data_4ODK
#
_entry.id   4ODK
#
_cell.length_a   87.500
_cell.length_b   52.990
_cell.length_c   48.910
_cell.angle_alpha   90.00
_cell.angle_beta   111.18
_cell.angle_gamma   90.00
#
_symmetry.space_group_name_H-M   'C 1 2 1'
#
loop_
_entity.id
_entity.type
_entity.pdbx_description
1 polymer 'Peptidyl-prolyl cis-trans isomerase SlyD'
2 polymer 'Guanyl-specific ribonuclease T1'
3 non-polymer 'CHLORIDE ION'
4 water water
#
loop_
_entity_poly.entity_id
_entity_poly.type
_entity_poly.pdbx_seq_one_letter_code
_entity_poly.pdbx_strand_id
1 'polypeptide(L)'
;MKVGQDKVVTIRYTLQVEGEVLDQGELSYLHGHRNLIPGLEEALEGREEGEAFQAHVPAEKAYGPHDPEGVQVVPLSAFP
EDAEVVPGAQFYAQDMEGNPMPLTVVAVEGEEVTVDFNHPLAGKDLDFQVEVVKVREATPEELLHGHAHPSGHHHHHH
;
A
2 'polypeptide(L)' VGSNSYPHKYNNYEG(NH2) B,C
#
# COMPACT_ATOMS: atom_id res chain seq x y z
N MET A 1 -23.53 -4.03 -14.58
CA MET A 1 -23.59 -3.20 -13.39
C MET A 1 -22.34 -2.34 -13.32
N LYS A 2 -22.50 -1.05 -13.03
CA LYS A 2 -21.37 -0.13 -12.99
C LYS A 2 -20.80 0.02 -11.60
N VAL A 3 -19.49 0.26 -11.53
CA VAL A 3 -18.81 0.52 -10.26
C VAL A 3 -19.38 1.78 -9.63
N GLY A 4 -19.73 1.69 -8.36
CA GLY A 4 -20.21 2.84 -7.62
C GLY A 4 -20.29 2.53 -6.15
N GLN A 5 -20.77 3.51 -5.38
CA GLN A 5 -20.89 3.40 -3.94
C GLN A 5 -21.58 2.11 -3.50
N ASP A 6 -20.97 1.42 -2.53
CA ASP A 6 -21.51 0.20 -1.92
C ASP A 6 -21.58 -1.02 -2.83
N LYS A 7 -20.90 -0.97 -3.97
CA LYS A 7 -20.73 -2.15 -4.79
C LYS A 7 -19.48 -2.88 -4.35
N VAL A 8 -19.49 -4.21 -4.43
CA VAL A 8 -18.27 -4.97 -4.30
C VAL A 8 -17.77 -5.27 -5.71
N VAL A 9 -16.55 -4.83 -5.97
CA VAL A 9 -15.99 -4.83 -7.32
C VAL A 9 -14.78 -5.75 -7.37
N THR A 10 -14.75 -6.65 -8.35
CA THR A 10 -13.60 -7.51 -8.55
C THR A 10 -12.78 -6.97 -9.71
N ILE A 11 -11.48 -6.78 -9.48
CA ILE A 11 -10.58 -6.27 -10.52
C ILE A 11 -9.36 -7.15 -10.65
N ARG A 12 -8.80 -7.22 -11.85
CA ARG A 12 -7.42 -7.66 -12.01
C ARG A 12 -6.59 -6.42 -12.31
N TYR A 13 -5.34 -6.41 -11.88
CA TYR A 13 -4.54 -5.22 -12.07
C TYR A 13 -3.06 -5.51 -12.10
N THR A 14 -2.33 -4.60 -12.70
CA THR A 14 -0.88 -4.58 -12.61
CA THR A 14 -0.88 -4.58 -12.61
C THR A 14 -0.50 -3.20 -12.12
N LEU A 15 0.39 -3.14 -11.14
CA LEU A 15 0.87 -1.87 -10.62
C LEU A 15 2.33 -1.72 -10.96
N GLN A 16 2.66 -0.66 -11.68
CA GLN A 16 4.04 -0.34 -12.00
C GLN A 16 4.43 1.00 -11.41
N VAL A 17 5.68 1.09 -10.98
CA VAL A 17 6.26 2.37 -10.61
C VAL A 17 7.55 2.52 -11.41
N GLU A 18 7.59 3.57 -12.22
CA GLU A 18 8.72 3.84 -13.12
C GLU A 18 9.17 2.60 -13.91
N GLY A 19 8.19 1.95 -14.56
CA GLY A 19 8.46 0.84 -15.45
C GLY A 19 8.75 -0.48 -14.78
N GLU A 20 8.49 -0.57 -13.48
CA GLU A 20 8.75 -1.80 -12.73
C GLU A 20 7.48 -2.33 -12.06
N VAL A 21 7.16 -3.59 -12.27
CA VAL A 21 5.98 -4.20 -11.64
C VAL A 21 6.22 -4.48 -10.16
N LEU A 22 5.39 -3.86 -9.31
CA LEU A 22 5.54 -4.00 -7.87
CA LEU A 22 5.54 -4.00 -7.87
C LEU A 22 4.46 -4.89 -7.26
N ASP A 23 3.30 -4.91 -7.91
CA ASP A 23 2.20 -5.69 -7.40
C ASP A 23 1.32 -6.05 -8.58
N GLN A 24 0.69 -7.20 -8.50
CA GLN A 24 -0.24 -7.60 -9.54
C GLN A 24 -1.12 -8.70 -9.01
N GLY A 25 -2.28 -8.85 -9.62
CA GLY A 25 -3.17 -9.95 -9.30
C GLY A 25 -4.61 -9.51 -9.35
N GLU A 26 -5.41 -10.11 -8.49
CA GLU A 26 -6.84 -9.96 -8.52
C GLU A 26 -7.30 -9.70 -7.12
N LEU A 27 -8.24 -8.78 -6.96
CA LEU A 27 -8.84 -8.53 -5.66
C LEU A 27 -10.29 -8.11 -5.81
N SER A 28 -11.04 -8.21 -4.73
CA SER A 28 -12.37 -7.62 -4.64
C SER A 28 -12.36 -6.57 -3.54
N TYR A 29 -13.10 -5.50 -3.71
CA TYR A 29 -13.12 -4.48 -2.67
C TYR A 29 -14.49 -3.85 -2.64
N LEU A 30 -14.82 -3.28 -1.50
CA LEU A 30 -16.06 -2.55 -1.32
C LEU A 30 -15.80 -1.09 -1.67
N HIS A 31 -16.48 -0.62 -2.71
CA HIS A 31 -16.25 0.72 -3.26
C HIS A 31 -16.96 1.77 -2.42
N GLY A 32 -16.33 2.94 -2.26
CA GLY A 32 -16.97 4.03 -1.53
C GLY A 32 -16.70 4.03 -0.05
N HIS A 33 -15.76 3.21 0.39
CA HIS A 33 -15.49 3.08 1.82
C HIS A 33 -14.00 3.26 2.14
N ARG A 34 -13.30 3.99 1.29
CA ARG A 34 -11.88 4.29 1.46
C ARG A 34 -10.99 3.05 1.60
N ASN A 35 -11.35 1.98 0.92
CA ASN A 35 -10.58 0.73 0.96
C ASN A 35 -9.39 0.69 0.01
N LEU A 36 -9.45 1.47 -1.07
CA LEU A 36 -8.32 1.60 -1.98
C LEU A 36 -7.82 3.04 -1.95
N ILE A 37 -6.61 3.24 -2.46
CA ILE A 37 -6.10 4.60 -2.57
C ILE A 37 -7.07 5.47 -3.36
N PRO A 38 -7.21 6.74 -2.98
CA PRO A 38 -8.30 7.54 -3.57
C PRO A 38 -8.22 7.70 -5.10
N GLY A 39 -7.03 7.84 -5.66
CA GLY A 39 -6.92 8.02 -7.10
C GLY A 39 -7.35 6.80 -7.88
N LEU A 40 -7.15 5.62 -7.32
CA LEU A 40 -7.57 4.39 -7.99
C LEU A 40 -9.09 4.26 -7.93
N GLU A 41 -9.66 4.55 -6.76
CA GLU A 41 -11.12 4.52 -6.65
CA GLU A 41 -11.11 4.51 -6.63
C GLU A 41 -11.78 5.52 -7.58
N GLU A 42 -11.20 6.71 -7.70
CA GLU A 42 -11.72 7.72 -8.60
C GLU A 42 -11.70 7.22 -10.05
N ALA A 43 -10.62 6.53 -10.42
CA ALA A 43 -10.49 6.00 -11.77
C ALA A 43 -11.50 4.88 -12.04
N LEU A 44 -11.86 4.14 -11.00
CA LEU A 44 -12.78 3.02 -11.09
C LEU A 44 -14.25 3.45 -11.15
N GLU A 45 -14.54 4.62 -10.61
CA GLU A 45 -15.93 5.08 -10.51
C GLU A 45 -16.60 5.09 -11.88
N GLY A 46 -17.75 4.42 -11.98
CA GLY A 46 -18.52 4.43 -13.21
C GLY A 46 -18.10 3.42 -14.27
N ARG A 47 -17.04 2.65 -14.01
CA ARG A 47 -16.57 1.66 -14.97
C ARG A 47 -17.55 0.50 -15.07
N GLU A 48 -17.59 -0.14 -16.24
CA GLU A 48 -18.48 -1.27 -16.47
C GLU A 48 -17.77 -2.62 -16.29
N GLU A 49 -18.53 -3.65 -15.94
CA GLU A 49 -18.00 -5.02 -16.01
C GLU A 49 -17.49 -5.29 -17.42
N GLY A 50 -16.31 -5.88 -17.51
CA GLY A 50 -15.72 -6.25 -18.78
C GLY A 50 -14.82 -5.19 -19.37
N GLU A 51 -14.69 -4.06 -18.68
CA GLU A 51 -13.95 -2.90 -19.17
C GLU A 51 -12.52 -2.85 -18.67
N ALA A 52 -11.58 -2.61 -19.57
CA ALA A 52 -10.17 -2.44 -19.25
C ALA A 52 -9.77 -0.97 -19.38
N PHE A 53 -8.84 -0.52 -18.54
CA PHE A 53 -8.35 0.84 -18.65
C PHE A 53 -6.99 0.97 -17.97
N GLN A 54 -6.34 2.11 -18.21
CA GLN A 54 -5.12 2.48 -17.52
C GLN A 54 -5.39 3.69 -16.66
N ALA A 55 -4.69 3.78 -15.55
CA ALA A 55 -4.79 4.93 -14.67
C ALA A 55 -3.42 5.33 -14.17
N HIS A 56 -3.09 6.60 -14.37
CA HIS A 56 -1.91 7.18 -13.78
C HIS A 56 -2.33 7.92 -12.52
N VAL A 57 -1.83 7.48 -11.38
CA VAL A 57 -2.21 8.09 -10.11
C VAL A 57 -1.03 8.80 -9.47
N PRO A 58 -1.07 10.15 -9.43
CA PRO A 58 0.02 10.91 -8.81
CA PRO A 58 0.00 10.92 -8.80
C PRO A 58 0.13 10.61 -7.32
N ALA A 59 1.33 10.81 -6.76
CA ALA A 59 1.58 10.51 -5.35
C ALA A 59 0.52 11.10 -4.44
N GLU A 60 0.07 12.32 -4.75
CA GLU A 60 -0.92 13.01 -3.91
C GLU A 60 -2.22 12.22 -3.75
N LYS A 61 -2.58 11.44 -4.77
CA LYS A 61 -3.82 10.65 -4.74
C LYS A 61 -3.54 9.19 -4.48
N ALA A 62 -2.28 8.88 -4.14
CA ALA A 62 -1.90 7.52 -3.86
C ALA A 62 -1.46 7.43 -2.40
N TYR A 63 -0.16 7.30 -2.14
CA TYR A 63 0.30 7.17 -0.77
C TYR A 63 0.86 8.46 -0.17
N GLY A 64 0.71 9.56 -0.90
CA GLY A 64 1.09 10.86 -0.40
C GLY A 64 2.53 11.21 -0.67
N PRO A 65 2.94 12.43 -0.31
CA PRO A 65 4.33 12.84 -0.57
C PRO A 65 5.29 12.18 0.39
N HIS A 66 6.57 12.17 0.00
CA HIS A 66 7.62 11.65 0.85
C HIS A 66 8.14 12.78 1.74
N ASP A 67 8.00 12.62 3.05
CA ASP A 67 8.41 13.63 4.02
C ASP A 67 9.87 13.40 4.41
N PRO A 68 10.76 14.37 4.12
CA PRO A 68 12.17 14.22 4.51
C PRO A 68 12.36 13.98 6.01
N GLU A 69 11.46 14.51 6.84
CA GLU A 69 11.58 14.35 8.28
C GLU A 69 11.35 12.91 8.72
N GLY A 70 10.79 12.08 7.84
CA GLY A 70 10.58 10.68 8.13
C GLY A 70 11.85 9.84 8.01
N VAL A 71 12.92 10.46 7.51
CA VAL A 71 14.19 9.76 7.34
C VAL A 71 15.11 10.18 8.48
N GLN A 72 15.53 9.20 9.29
CA GLN A 72 16.20 9.46 10.55
C GLN A 72 17.34 8.49 10.77
N VAL A 73 18.28 8.89 11.62
CA VAL A 73 19.37 8.00 12.01
C VAL A 73 19.09 7.48 13.40
N VAL A 74 19.18 6.17 13.55
CA VAL A 74 18.87 5.48 14.81
C VAL A 74 19.99 4.47 15.11
N PRO A 75 20.12 4.04 16.38
CA PRO A 75 21.21 3.11 16.70
C PRO A 75 20.96 1.68 16.26
N LEU A 76 22.03 1.04 15.78
CA LEU A 76 21.95 -0.38 15.43
C LEU A 76 21.55 -1.22 16.65
N SER A 77 21.95 -0.77 17.83
CA SER A 77 21.61 -1.45 19.10
CA SER A 77 21.62 -1.46 19.08
C SER A 77 20.11 -1.55 19.35
N ALA A 78 19.31 -0.74 18.66
CA ALA A 78 17.86 -0.76 18.83
C ALA A 78 17.18 -1.94 18.13
N PHE A 79 17.90 -2.63 17.26
CA PHE A 79 17.28 -3.69 16.46
C PHE A 79 17.44 -5.04 17.14
N PRO A 80 16.54 -5.99 16.85
CA PRO A 80 16.58 -7.29 17.54
C PRO A 80 17.90 -8.05 17.33
N GLU A 81 18.32 -8.87 18.30
CA GLU A 81 19.57 -9.60 18.15
CA GLU A 81 19.56 -9.62 18.18
C GLU A 81 19.58 -10.49 16.92
N ASP A 82 18.43 -11.06 16.59
CA ASP A 82 18.34 -11.99 15.49
C ASP A 82 17.84 -11.33 14.23
N ALA A 83 18.01 -10.01 14.15
CA ALA A 83 17.56 -9.25 13.00
C ALA A 83 18.63 -9.13 11.91
N GLU A 84 18.19 -9.21 10.66
CA GLU A 84 19.05 -8.86 9.54
C GLU A 84 18.80 -7.39 9.23
N VAL A 85 19.68 -6.52 9.70
CA VAL A 85 19.50 -5.09 9.50
C VAL A 85 20.24 -4.68 8.23
N VAL A 86 19.52 -4.71 7.12
CA VAL A 86 20.08 -4.40 5.81
C VAL A 86 19.10 -3.53 5.03
N PRO A 87 19.58 -2.82 4.01
CA PRO A 87 18.66 -1.97 3.25
C PRO A 87 17.49 -2.78 2.71
N GLY A 88 16.29 -2.24 2.87
CA GLY A 88 15.07 -2.92 2.45
C GLY A 88 14.35 -3.62 3.57
N ALA A 89 15.05 -3.91 4.67
CA ALA A 89 14.44 -4.63 5.78
C ALA A 89 13.40 -3.78 6.51
N GLN A 90 12.30 -4.40 6.93
CA GLN A 90 11.23 -3.70 7.60
C GLN A 90 11.13 -4.04 9.08
N PHE A 91 10.92 -3.01 9.89
CA PHE A 91 10.76 -3.17 11.33
C PHE A 91 9.62 -2.28 11.81
N TYR A 92 9.31 -2.39 13.10
CA TYR A 92 8.23 -1.60 13.67
C TYR A 92 8.62 -0.97 14.99
N ALA A 93 8.16 0.26 15.19
CA ALA A 93 8.15 0.89 16.50
C ALA A 93 6.70 0.94 16.96
N GLN A 94 6.48 1.09 18.26
CA GLN A 94 5.12 1.14 18.79
C GLN A 94 4.77 2.55 19.28
N ASP A 95 3.75 3.15 18.68
CA ASP A 95 3.39 4.54 18.97
C ASP A 95 2.40 4.68 20.14
N ASN A 99 -0.42 1.42 18.19
CA ASN A 99 -0.38 1.14 16.76
C ASN A 99 1.06 1.05 16.24
N PRO A 100 1.36 -0.07 15.58
CA PRO A 100 2.70 -0.28 15.01
C PRO A 100 3.05 0.80 13.99
N MET A 101 4.24 1.38 14.11
CA MET A 101 4.74 2.31 13.11
C MET A 101 5.83 1.63 12.30
N PRO A 102 5.55 1.30 11.05
CA PRO A 102 6.55 0.60 10.24
C PRO A 102 7.67 1.53 9.79
N LEU A 103 8.87 0.97 9.70
CA LEU A 103 10.00 1.68 9.11
CA LEU A 103 10.00 1.68 9.13
C LEU A 103 10.76 0.74 8.19
N THR A 104 11.46 1.33 7.23
CA THR A 104 12.28 0.56 6.31
C THR A 104 13.73 1.01 6.53
N VAL A 105 14.63 0.06 6.65
CA VAL A 105 16.05 0.39 6.73
C VAL A 105 16.51 0.86 5.36
N VAL A 106 17.18 2.00 5.27
CA VAL A 106 17.65 2.48 3.98
CA VAL A 106 17.65 2.46 3.97
C VAL A 106 19.18 2.47 3.85
N ALA A 107 19.89 2.53 4.97
CA ALA A 107 21.34 2.45 4.96
C ALA A 107 21.87 2.04 6.33
N VAL A 108 23.01 1.34 6.35
CA VAL A 108 23.65 0.95 7.60
C VAL A 108 25.11 1.35 7.52
N GLU A 109 25.55 2.08 8.53
CA GLU A 109 26.89 2.61 8.57
C GLU A 109 27.44 2.44 9.98
N GLY A 110 28.19 1.37 10.20
CA GLY A 110 28.71 1.08 11.53
C GLY A 110 27.57 0.90 12.52
N GLU A 111 27.57 1.70 13.57
CA GLU A 111 26.55 1.59 14.61
C GLU A 111 25.33 2.48 14.36
N GLU A 112 25.30 3.18 13.24
CA GLU A 112 24.16 4.03 12.92
C GLU A 112 23.40 3.46 11.73
N VAL A 113 22.08 3.53 11.81
CA VAL A 113 21.21 3.01 10.76
C VAL A 113 20.32 4.15 10.28
N THR A 114 20.27 4.37 8.97
CA THR A 114 19.33 5.36 8.44
C THR A 114 18.06 4.61 8.11
N VAL A 115 16.94 5.10 8.64
CA VAL A 115 15.63 4.45 8.46
C VAL A 115 14.64 5.43 7.89
N ASP A 116 13.56 4.90 7.31
CA ASP A 116 12.56 5.74 6.69
C ASP A 116 11.18 5.32 7.22
N PHE A 117 10.51 6.23 7.92
CA PHE A 117 9.17 5.97 8.46
C PHE A 117 8.05 6.27 7.45
N ASN A 118 8.42 6.84 6.29
CA ASN A 118 7.42 7.06 5.24
C ASN A 118 6.86 5.74 4.73
N HIS A 119 5.65 5.80 4.18
CA HIS A 119 5.15 4.66 3.43
C HIS A 119 6.12 4.34 2.31
N PRO A 120 6.35 3.05 2.01
CA PRO A 120 7.32 2.66 0.98
C PRO A 120 7.07 3.27 -0.41
N LEU A 121 5.84 3.63 -0.71
CA LEU A 121 5.52 4.24 -2.00
C LEU A 121 5.26 5.74 -1.90
N ALA A 122 5.52 6.34 -0.74
CA ALA A 122 5.37 7.79 -0.61
C ALA A 122 6.22 8.50 -1.66
N GLY A 123 5.64 9.51 -2.29
CA GLY A 123 6.33 10.30 -3.30
C GLY A 123 6.38 9.67 -4.68
N LYS A 124 5.83 8.47 -4.82
CA LYS A 124 5.84 7.77 -6.11
CA LYS A 124 5.84 7.78 -6.11
C LYS A 124 4.53 7.94 -6.87
N ASP A 125 4.62 8.15 -8.17
CA ASP A 125 3.43 8.14 -9.00
C ASP A 125 3.19 6.69 -9.41
N LEU A 126 1.93 6.26 -9.43
CA LEU A 126 1.61 4.86 -9.68
C LEU A 126 0.91 4.67 -11.02
N ASP A 127 1.35 3.67 -11.77
CA ASP A 127 0.71 3.37 -13.04
C ASP A 127 0.00 2.02 -12.99
N PHE A 128 -1.31 2.05 -13.15
CA PHE A 128 -2.12 0.84 -13.11
C PHE A 128 -2.65 0.44 -14.47
N GLN A 129 -2.64 -0.86 -14.75
CA GLN A 129 -3.51 -1.45 -15.76
C GLN A 129 -4.58 -2.14 -14.96
N VAL A 130 -5.84 -1.96 -15.34
CA VAL A 130 -6.96 -2.50 -14.59
C VAL A 130 -7.93 -3.22 -15.52
N GLU A 131 -8.49 -4.33 -15.06
CA GLU A 131 -9.62 -4.97 -15.72
C GLU A 131 -10.75 -5.08 -14.71
N VAL A 132 -11.92 -4.54 -15.03
CA VAL A 132 -13.07 -4.68 -14.15
C VAL A 132 -13.78 -5.98 -14.49
N VAL A 133 -13.80 -6.90 -13.53
CA VAL A 133 -14.24 -8.27 -13.79
C VAL A 133 -15.70 -8.50 -13.39
N LYS A 134 -16.05 -8.03 -12.21
CA LYS A 134 -17.39 -8.25 -11.68
C LYS A 134 -17.81 -7.09 -10.79
N VAL A 135 -19.08 -6.75 -10.83
CA VAL A 135 -19.65 -5.76 -9.94
C VAL A 135 -20.93 -6.33 -9.35
N ARG A 136 -21.04 -6.35 -8.03
CA ARG A 136 -22.25 -6.83 -7.37
C ARG A 136 -22.59 -5.95 -6.18
N GLU A 137 -23.81 -6.07 -5.67
CA GLU A 137 -24.19 -5.35 -4.46
C GLU A 137 -23.49 -5.94 -3.25
N ALA A 138 -23.13 -5.07 -2.30
CA ALA A 138 -22.60 -5.52 -1.03
C ALA A 138 -23.69 -6.18 -0.19
N THR A 139 -23.30 -7.18 0.60
CA THR A 139 -24.22 -7.78 1.57
C THR A 139 -24.28 -6.93 2.83
N PRO A 140 -25.31 -7.12 3.67
CA PRO A 140 -25.33 -6.38 4.93
C PRO A 140 -24.08 -6.61 5.79
N GLU A 141 -23.55 -7.83 5.77
CA GLU A 141 -22.36 -8.11 6.57
C GLU A 141 -21.16 -7.30 6.07
N GLU A 142 -21.04 -7.18 4.75
CA GLU A 142 -19.95 -6.39 4.17
C GLU A 142 -20.06 -4.91 4.53
N LEU A 143 -21.28 -4.37 4.49
CA LEU A 143 -21.49 -2.98 4.88
C LEU A 143 -21.19 -2.79 6.37
N LEU A 144 -21.59 -3.75 7.19
CA LEU A 144 -21.36 -3.70 8.63
C LEU A 144 -19.87 -3.68 8.94
N HIS A 145 -19.10 -4.48 8.23
CA HIS A 145 -17.66 -4.56 8.46
C HIS A 145 -16.83 -3.51 7.72
N GLY A 146 -17.45 -2.87 6.73
CA GLY A 146 -16.78 -1.83 5.95
C GLY A 146 -15.83 -2.33 4.88
N HIS A 147 -15.89 -3.62 4.54
CA HIS A 147 -15.01 -4.16 3.51
C HIS A 147 -15.59 -5.44 2.92
N ALA A 148 -15.09 -5.85 1.77
CA ALA A 148 -15.57 -7.06 1.10
C ALA A 148 -15.23 -8.33 1.89
N HIS A 149 -16.09 -9.32 1.75
CA HIS A 149 -15.91 -10.65 2.34
C HIS A 149 -14.64 -11.30 1.79
N PRO A 150 -13.92 -12.07 2.61
CA PRO A 150 -12.72 -12.79 2.14
C PRO A 150 -13.03 -13.57 0.87
N SER A 151 -12.11 -13.51 -0.09
CA SER A 151 -12.25 -14.26 -1.33
C SER A 151 -10.92 -14.84 -1.77
N GLY A 152 -10.00 -15.01 -0.82
CA GLY A 152 -8.71 -15.61 -1.10
C GLY A 152 -7.61 -14.59 -1.42
N HIS A 153 -6.36 -15.01 -1.27
CA HIS A 153 -5.23 -14.15 -1.59
C HIS A 153 -4.77 -14.41 -3.02
N HIS A 154 -5.15 -13.51 -3.92
CA HIS A 154 -4.93 -13.73 -5.34
C HIS A 154 -4.15 -12.61 -6.01
N HIS A 155 -3.41 -11.84 -5.20
CA HIS A 155 -2.48 -10.87 -5.73
C HIS A 155 -1.16 -11.00 -4.98
N HIS A 156 -0.06 -10.59 -5.61
CA HIS A 156 1.26 -10.76 -4.99
C HIS A 156 2.26 -9.66 -5.36
N HIS B 8 10.78 12.32 18.20
CA HIS B 8 10.56 11.25 19.16
C HIS B 8 11.44 10.05 18.82
N LYS B 9 12.25 9.63 19.78
CA LYS B 9 13.14 8.49 19.58
C LYS B 9 12.62 7.28 20.34
N TYR B 10 12.73 6.12 19.71
CA TYR B 10 12.26 4.87 20.29
C TYR B 10 13.39 4.06 20.89
N ASN B 11 13.08 3.37 21.98
CA ASN B 11 14.06 2.51 22.63
C ASN B 11 14.55 1.40 21.71
N ASN B 12 13.61 0.69 21.09
CA ASN B 12 13.91 -0.51 20.34
C ASN B 12 12.89 -0.72 19.23
N TYR B 13 13.27 -1.50 18.22
CA TYR B 13 12.38 -1.86 17.12
C TYR B 13 12.14 -3.36 17.12
N GLU B 14 11.00 -3.78 16.59
CA GLU B 14 10.69 -5.20 16.52
C GLU B 14 10.54 -5.62 15.06
N GLY B 15 10.71 -6.91 14.80
CA GLY B 15 10.56 -7.45 13.47
C GLY B 15 9.09 -7.69 13.21
N TYR C 6 -0.76 -3.29 -1.05
CA TYR C 6 -1.21 -2.43 -2.15
C TYR C 6 -2.40 -3.09 -2.84
N PRO C 7 -3.29 -2.30 -3.45
CA PRO C 7 -3.36 -0.83 -3.45
C PRO C 7 -4.40 -0.32 -2.45
N HIS C 8 -4.47 -0.98 -1.30
CA HIS C 8 -5.36 -0.57 -0.22
C HIS C 8 -4.87 0.70 0.46
#